data_1J18
#
_entry.id   1J18
#
_cell.length_a   56.808
_cell.length_b   89.331
_cell.length_c   65.394
_cell.angle_alpha   90.00
_cell.angle_beta   102.32
_cell.angle_gamma   90.00
#
_symmetry.space_group_name_H-M   'P 1 21 1'
#
loop_
_entity.id
_entity.type
_entity.pdbx_description
1 polymer Beta-amylase
2 branched alpha-D-glucopyranose-(1-4)-alpha-D-glucopyranose-(1-4)-alpha-D-glucopyranose-(1-4)-alpha-D-glucopyranose
3 branched alpha-D-glucopyranose-(1-4)-beta-D-glucopyranose
4 non-polymer 'CALCIUM ION'
5 non-polymer 'SULFATE ION'
6 non-polymer 'ACETIC ACID'
7 water water
#
_entity_poly.entity_id   1
_entity_poly.type   'polypeptide(L)'
_entity_poly.pdbx_seq_one_letter_code
;AVNGKGMNPDYKAYLMAPLKKIPEVTNWETFENDLRWAKQNGFYAITVDFWWGDMEKNGDQQFDFSYAQRFAQSVKNAGM
KMIPIISTHQCGGNVGDDCNVPIPSWVWNQKSDDSLYFKSETGTVNKETLNPLASDVIRKEYGELYTAFAAAMKPYKDVI
AKIYLSGGPAGELRYPSYTTSDGTGYPSRGKFQAYTEFAKSKFRLWVLNKYGSLNEVNKAWGTKLISELAILPPSDGEQF
LMNGYLSMYGKDYLEWYQGILENHTKLIGELAHNAFDTTFQVPIGAKIAGVHWQYNNPTIPHGAEKPAGYNDYSHLLDAF
KSAKLDVTFTCLEMTDKGSYPEYSMPKTLVQNIATLANEKGIVLNGENALSIGNEEEYKRVAEMAFNYNFAGFTLLRYQD
VMYNNSLMGKFKDLLGVTPVMQTIVVKNVPTTIGDTVYITGNRAELGSWDTKQYPIQLYYDSHSNDWRGNVVLPAERNIE
FKAFIKSKDGTVKSWQTIQQSWNPVPLKTTSHTSSW
;
_entity_poly.pdbx_strand_id   A
#
loop_
_chem_comp.id
_chem_comp.type
_chem_comp.name
_chem_comp.formula
ACY non-polymer 'ACETIC ACID' 'C2 H4 O2'
BGC D-saccharide, beta linking beta-D-glucopyranose 'C6 H12 O6'
CA non-polymer 'CALCIUM ION' 'Ca 2'
GLC D-saccharide, alpha linking alpha-D-glucopyranose 'C6 H12 O6'
SO4 non-polymer 'SULFATE ION' 'O4 S -2'
#
# COMPACT_ATOMS: atom_id res chain seq x y z
N ALA A 1 -14.96 -8.84 -10.72
CA ALA A 1 -14.53 -7.68 -9.89
C ALA A 1 -15.66 -6.65 -9.81
N VAL A 2 -15.44 -5.60 -9.00
CA VAL A 2 -16.45 -4.56 -8.87
C VAL A 2 -16.59 -3.80 -10.17
N ASN A 3 -17.79 -3.25 -10.40
CA ASN A 3 -18.07 -2.48 -11.61
C ASN A 3 -18.03 -3.34 -12.87
N GLY A 4 -18.52 -4.57 -12.78
CA GLY A 4 -18.53 -5.46 -13.93
C GLY A 4 -17.19 -5.71 -14.58
N LYS A 5 -16.12 -5.32 -13.89
CA LYS A 5 -14.75 -5.49 -14.38
C LYS A 5 -14.20 -6.86 -13.98
N GLY A 6 -12.95 -7.11 -14.36
CA GLY A 6 -12.29 -8.36 -14.02
C GLY A 6 -10.97 -8.04 -13.34
N MET A 7 -10.05 -8.99 -13.31
CA MET A 7 -8.75 -8.78 -12.69
C MET A 7 -7.90 -7.81 -13.53
N ASN A 8 -6.97 -7.12 -12.88
CA ASN A 8 -6.11 -6.18 -13.57
C ASN A 8 -5.14 -6.95 -14.47
N PRO A 9 -5.12 -6.62 -15.77
CA PRO A 9 -4.21 -7.31 -16.69
C PRO A 9 -2.73 -7.10 -16.40
N ASP A 10 -2.41 -6.07 -15.62
CA ASP A 10 -1.01 -5.79 -15.29
C ASP A 10 -0.59 -6.43 -13.98
N TYR A 11 -1.49 -7.20 -13.38
CA TYR A 11 -1.21 -7.85 -12.11
C TYR A 11 0.10 -8.64 -12.08
N LYS A 12 0.89 -8.40 -11.05
CA LYS A 12 2.16 -9.08 -10.85
C LYS A 12 2.24 -9.47 -9.38
N ALA A 13 2.91 -10.58 -9.09
CA ALA A 13 3.10 -11.04 -7.72
C ALA A 13 4.55 -10.75 -7.35
N TYR A 14 4.77 -10.21 -6.15
CA TYR A 14 6.11 -9.89 -5.70
C TYR A 14 6.41 -10.57 -4.36
N LEU A 15 7.69 -10.80 -4.09
CA LEU A 15 8.11 -11.43 -2.85
C LEU A 15 9.02 -10.49 -2.07
N MET A 16 8.72 -10.29 -0.79
CA MET A 16 9.55 -9.45 0.06
C MET A 16 10.79 -10.22 0.49
N ALA A 17 11.95 -9.61 0.33
CA ALA A 17 13.21 -10.23 0.73
C ALA A 17 13.26 -10.17 2.25
N PRO A 18 14.23 -10.88 2.86
CA PRO A 18 14.33 -10.84 4.32
C PRO A 18 14.73 -9.42 4.74
N LEU A 19 14.53 -9.09 6.01
CA LEU A 19 14.89 -7.77 6.53
C LEU A 19 16.42 -7.65 6.66
N LYS A 20 17.05 -8.74 7.09
CA LYS A 20 18.51 -8.75 7.24
C LYS A 20 19.16 -9.04 5.90
N LYS A 21 20.46 -8.77 5.80
CA LYS A 21 21.18 -9.04 4.56
C LYS A 21 21.12 -10.53 4.23
N ILE A 22 21.10 -10.86 2.94
CA ILE A 22 21.02 -12.24 2.49
C ILE A 22 22.03 -13.18 3.14
N PRO A 23 23.31 -12.77 3.22
CA PRO A 23 24.33 -13.63 3.85
C PRO A 23 24.05 -13.97 5.31
N GLU A 24 23.19 -13.20 5.96
CA GLU A 24 22.86 -13.46 7.35
C GLU A 24 21.72 -14.47 7.47
N VAL A 25 21.20 -14.90 6.33
CA VAL A 25 20.10 -15.86 6.29
C VAL A 25 20.46 -17.10 5.51
N THR A 26 21.20 -16.92 4.43
CA THR A 26 21.61 -18.03 3.57
C THR A 26 22.85 -17.55 2.81
N ASN A 27 23.20 -18.22 1.72
CA ASN A 27 24.37 -17.79 0.95
C ASN A 27 23.91 -17.35 -0.43
N TRP A 28 24.70 -16.50 -1.08
CA TRP A 28 24.37 -15.97 -2.39
C TRP A 28 23.99 -16.97 -3.47
N GLU A 29 24.69 -18.10 -3.51
CA GLU A 29 24.40 -19.11 -4.53
C GLU A 29 23.03 -19.74 -4.27
N THR A 30 22.74 -20.07 -3.02
CA THR A 30 21.44 -20.65 -2.68
C THR A 30 20.35 -19.61 -2.96
N PHE A 31 20.66 -18.36 -2.62
CA PHE A 31 19.73 -17.25 -2.84
C PHE A 31 19.34 -17.17 -4.31
N GLU A 32 20.32 -17.38 -5.20
CA GLU A 32 20.03 -17.31 -6.62
C GLU A 32 19.10 -18.44 -7.04
N ASN A 33 19.25 -19.60 -6.41
CA ASN A 33 18.38 -20.73 -6.71
C ASN A 33 16.98 -20.45 -6.16
N ASP A 34 16.92 -19.78 -5.02
CA ASP A 34 15.64 -19.43 -4.42
C ASP A 34 14.88 -18.53 -5.37
N LEU A 35 15.57 -17.54 -5.93
CA LEU A 35 14.94 -16.61 -6.86
C LEU A 35 14.37 -17.35 -8.07
N ARG A 36 15.09 -18.34 -8.58
CA ARG A 36 14.61 -19.10 -9.72
C ARG A 36 13.36 -19.87 -9.30
N TRP A 37 13.38 -20.38 -8.08
CA TRP A 37 12.24 -21.12 -7.54
C TRP A 37 11.05 -20.17 -7.45
N ALA A 38 11.30 -18.95 -6.97
CA ALA A 38 10.25 -17.96 -6.84
C ALA A 38 9.62 -17.64 -8.20
N LYS A 39 10.45 -17.41 -9.20
CA LYS A 39 9.96 -17.11 -10.54
C LYS A 39 9.09 -18.25 -11.05
N GLN A 40 9.50 -19.48 -10.75
CA GLN A 40 8.78 -20.64 -11.19
C GLN A 40 7.40 -20.72 -10.53
N ASN A 41 7.25 -20.05 -9.38
CA ASN A 41 5.98 -20.05 -8.67
C ASN A 41 5.14 -18.80 -8.92
N GLY A 42 5.48 -18.06 -9.96
CA GLY A 42 4.70 -16.88 -10.30
C GLY A 42 5.15 -15.53 -9.76
N PHE A 43 6.27 -15.47 -9.08
CA PHE A 43 6.75 -14.18 -8.57
C PHE A 43 7.50 -13.47 -9.68
N TYR A 44 7.18 -12.20 -9.89
CA TYR A 44 7.81 -11.42 -10.95
C TYR A 44 9.09 -10.75 -10.48
N ALA A 45 9.14 -10.36 -9.21
CA ALA A 45 10.32 -9.69 -8.69
C ALA A 45 10.38 -9.76 -7.18
N ILE A 46 11.56 -9.49 -6.64
CA ILE A 46 11.74 -9.48 -5.19
C ILE A 46 11.91 -8.03 -4.73
N THR A 47 11.18 -7.63 -3.69
CA THR A 47 11.31 -6.28 -3.17
C THR A 47 12.31 -6.39 -2.04
N VAL A 48 13.16 -5.39 -1.89
CA VAL A 48 14.19 -5.46 -0.87
C VAL A 48 14.52 -4.12 -0.23
N ASP A 49 14.60 -4.14 1.10
CA ASP A 49 14.95 -2.94 1.87
C ASP A 49 16.45 -2.70 1.79
N PHE A 50 16.84 -1.52 1.32
CA PHE A 50 18.25 -1.16 1.33
C PHE A 50 18.21 -0.07 2.40
N TRP A 51 18.76 -0.40 3.57
CA TRP A 51 18.73 0.51 4.70
C TRP A 51 19.67 1.71 4.66
N TRP A 52 19.11 2.87 4.96
CA TRP A 52 19.89 4.11 4.97
C TRP A 52 21.01 3.89 5.98
N GLY A 53 20.68 3.21 7.07
CA GLY A 53 21.67 2.92 8.10
C GLY A 53 22.85 2.11 7.60
N ASP A 54 22.67 1.37 6.51
CA ASP A 54 23.75 0.56 5.94
C ASP A 54 24.46 1.29 4.80
N MET A 55 23.73 2.14 4.09
CA MET A 55 24.29 2.85 2.95
C MET A 55 25.01 4.18 3.20
N GLU A 56 24.85 4.75 4.39
CA GLU A 56 25.48 6.02 4.71
C GLU A 56 25.71 6.11 6.22
N LYS A 57 26.22 5.02 6.78
CA LYS A 57 26.47 4.88 8.22
C LYS A 57 27.47 5.82 8.89
N ASN A 58 28.68 5.88 8.35
CA ASN A 58 29.75 6.67 8.94
C ASN A 58 29.58 8.19 8.95
N GLY A 59 29.00 8.74 7.89
CA GLY A 59 28.81 10.18 7.86
C GLY A 59 28.21 10.69 6.57
N ASP A 60 27.87 11.98 6.57
CA ASP A 60 27.29 12.59 5.39
C ASP A 60 28.14 12.36 4.14
N GLN A 61 27.49 11.86 3.10
CA GLN A 61 28.14 11.58 1.82
C GLN A 61 29.16 10.44 1.82
N GLN A 62 29.13 9.61 2.86
CA GLN A 62 30.03 8.47 2.94
C GLN A 62 29.19 7.24 2.63
N PHE A 63 28.99 7.00 1.34
CA PHE A 63 28.16 5.90 0.86
C PHE A 63 28.80 4.52 0.69
N ASP A 64 27.95 3.50 0.78
CA ASP A 64 28.36 2.12 0.61
C ASP A 64 27.17 1.40 0.01
N PHE A 65 27.19 1.20 -1.30
CA PHE A 65 26.10 0.53 -1.98
C PHE A 65 26.53 -0.86 -2.43
N SER A 66 27.63 -1.35 -1.87
CA SER A 66 28.16 -2.67 -2.24
C SER A 66 27.19 -3.82 -1.97
N TYR A 67 26.49 -3.78 -0.84
CA TYR A 67 25.54 -4.84 -0.54
C TYR A 67 24.48 -4.83 -1.63
N ALA A 68 23.96 -3.64 -1.91
CA ALA A 68 22.92 -3.46 -2.93
C ALA A 68 23.37 -3.96 -4.30
N GLN A 69 24.59 -3.62 -4.67
CA GLN A 69 25.14 -4.04 -5.96
C GLN A 69 25.29 -5.55 -5.98
N ARG A 70 25.80 -6.11 -4.88
CA ARG A 70 26.00 -7.55 -4.77
C ARG A 70 24.64 -8.25 -4.91
N PHE A 71 23.63 -7.71 -4.21
CA PHE A 71 22.28 -8.26 -4.26
C PHE A 71 21.78 -8.22 -5.69
N ALA A 72 21.91 -7.05 -6.32
CA ALA A 72 21.46 -6.87 -7.70
C ALA A 72 22.16 -7.87 -8.63
N GLN A 73 23.44 -8.12 -8.38
CA GLN A 73 24.20 -9.06 -9.21
C GLN A 73 23.58 -10.44 -9.17
N SER A 74 23.26 -10.92 -7.96
CA SER A 74 22.65 -12.23 -7.81
C SER A 74 21.27 -12.27 -8.46
N VAL A 75 20.53 -11.17 -8.36
CA VAL A 75 19.21 -11.10 -8.97
C VAL A 75 19.38 -11.28 -10.48
N LYS A 76 20.40 -10.61 -11.02
CA LYS A 76 20.70 -10.71 -12.45
C LYS A 76 21.05 -12.15 -12.81
N ASN A 77 21.88 -12.79 -11.99
CA ASN A 77 22.29 -14.17 -12.24
C ASN A 77 21.12 -15.13 -12.28
N ALA A 78 20.10 -14.86 -11.46
CA ALA A 78 18.93 -15.72 -11.40
C ALA A 78 17.94 -15.40 -12.51
N GLY A 79 18.24 -14.36 -13.29
CA GLY A 79 17.35 -13.98 -14.36
C GLY A 79 16.04 -13.45 -13.77
N MET A 80 16.16 -12.78 -12.63
CA MET A 80 15.00 -12.25 -11.94
C MET A 80 14.96 -10.72 -11.99
N LYS A 81 13.93 -10.15 -11.37
CA LYS A 81 13.75 -8.70 -11.30
C LYS A 81 13.73 -8.32 -9.82
N MET A 82 14.01 -7.05 -9.52
CA MET A 82 14.00 -6.60 -8.14
C MET A 82 13.41 -5.20 -8.02
N ILE A 83 12.84 -4.93 -6.86
CA ILE A 83 12.26 -3.62 -6.57
C ILE A 83 12.93 -3.11 -5.29
N PRO A 84 13.92 -2.23 -5.45
CA PRO A 84 14.62 -1.68 -4.29
C PRO A 84 13.74 -0.71 -3.51
N ILE A 85 13.87 -0.73 -2.19
CA ILE A 85 13.15 0.20 -1.34
C ILE A 85 14.26 1.02 -0.71
N ILE A 86 14.26 2.33 -0.94
CA ILE A 86 15.26 3.18 -0.33
C ILE A 86 14.73 3.42 1.07
N SER A 87 15.04 2.49 1.97
CA SER A 87 14.55 2.54 3.34
C SER A 87 15.22 3.54 4.26
N THR A 88 14.71 4.76 4.22
CA THR A 88 15.22 5.84 5.06
C THR A 88 14.63 5.78 6.46
N HIS A 89 14.16 4.61 6.86
CA HIS A 89 13.60 4.42 8.19
C HIS A 89 14.36 3.30 8.91
N GLN A 90 14.18 3.23 10.23
CA GLN A 90 14.85 2.22 11.03
C GLN A 90 14.24 0.83 10.91
N CYS A 91 15.11 -0.19 10.86
CA CYS A 91 14.63 -1.56 10.83
C CYS A 91 14.70 -1.98 12.29
N GLY A 92 13.59 -2.48 12.82
CA GLY A 92 13.55 -2.92 14.21
C GLY A 92 12.59 -2.08 15.02
N GLY A 93 11.71 -2.73 15.77
CA GLY A 93 10.76 -2.01 16.58
C GLY A 93 9.34 -2.09 16.05
N ASN A 94 9.20 -2.47 14.79
CA ASN A 94 7.87 -2.60 14.20
C ASN A 94 7.46 -4.06 14.05
N VAL A 95 6.16 -4.29 13.90
CA VAL A 95 5.63 -5.65 13.78
C VAL A 95 6.31 -6.53 12.73
N GLY A 96 6.80 -7.68 13.19
CA GLY A 96 7.48 -8.62 12.30
C GLY A 96 8.95 -8.33 12.09
N ASP A 97 9.44 -7.23 12.64
CA ASP A 97 10.85 -6.87 12.49
C ASP A 97 11.80 -7.84 13.18
N ASP A 98 12.79 -8.31 12.42
CA ASP A 98 13.81 -9.21 12.92
C ASP A 98 15.07 -8.57 12.37
N CYS A 99 15.50 -7.49 12.99
CA CYS A 99 16.65 -6.73 12.53
C CYS A 99 16.95 -5.60 13.50
N ASN A 100 17.98 -4.82 13.19
CA ASN A 100 18.34 -3.68 14.00
C ASN A 100 19.22 -2.76 13.20
N VAL A 101 18.57 -1.92 12.38
CA VAL A 101 19.30 -0.98 11.54
C VAL A 101 18.70 0.41 11.64
N PRO A 102 19.14 1.20 12.63
CA PRO A 102 18.64 2.56 12.81
C PRO A 102 19.17 3.41 11.66
N ILE A 103 18.57 4.57 11.41
CA ILE A 103 19.09 5.42 10.34
C ILE A 103 20.40 5.99 10.88
N PRO A 104 21.33 6.40 9.99
CA PRO A 104 22.63 6.96 10.39
C PRO A 104 22.55 7.85 11.63
N SER A 105 23.33 7.49 12.65
CA SER A 105 23.33 8.24 13.91
C SER A 105 23.73 9.69 13.76
N TRP A 106 24.53 9.99 12.74
CA TRP A 106 24.99 11.36 12.53
C TRP A 106 23.90 12.33 12.10
N VAL A 107 22.89 11.85 11.40
CA VAL A 107 21.82 12.72 10.92
C VAL A 107 21.19 13.54 12.05
N TRP A 108 21.11 12.98 13.25
CA TRP A 108 20.49 13.70 14.37
C TRP A 108 21.30 14.90 14.84
N ASN A 109 22.52 15.03 14.33
CA ASN A 109 23.39 16.15 14.70
C ASN A 109 23.37 17.25 13.66
N GLN A 110 22.46 17.14 12.69
CA GLN A 110 22.35 18.14 11.64
C GLN A 110 21.58 19.37 12.13
N LYS A 111 20.96 19.24 13.31
CA LYS A 111 20.19 20.32 13.92
C LYS A 111 20.41 20.32 15.42
N SER A 112 20.35 21.50 16.04
CA SER A 112 20.54 21.63 17.48
C SER A 112 19.20 21.73 18.19
N ASP A 113 18.12 21.86 17.43
CA ASP A 113 16.78 21.96 17.99
C ASP A 113 16.11 20.58 17.98
N ASP A 114 14.78 20.53 18.04
CA ASP A 114 14.07 19.25 18.03
C ASP A 114 13.23 19.08 16.76
N SER A 115 13.69 19.69 15.68
CA SER A 115 13.00 19.64 14.40
C SER A 115 13.10 18.30 13.67
N LEU A 116 14.15 17.53 13.96
CA LEU A 116 14.38 16.26 13.29
C LEU A 116 13.58 15.04 13.74
N TYR A 117 13.16 15.01 15.00
CA TYR A 117 12.43 13.85 15.50
C TYR A 117 11.00 14.15 15.93
N PHE A 118 10.32 13.13 16.45
CA PHE A 118 8.93 13.27 16.90
C PHE A 118 8.84 13.20 18.40
N LYS A 119 7.76 13.78 18.93
CA LYS A 119 7.47 13.77 20.36
C LYS A 119 5.97 13.57 20.44
N SER A 120 5.53 12.57 21.21
CA SER A 120 4.11 12.27 21.35
C SER A 120 3.43 13.16 22.37
N GLU A 121 2.11 12.97 22.48
CA GLU A 121 1.29 13.70 23.43
C GLU A 121 1.86 13.62 24.84
N THR A 122 2.44 12.46 25.18
CA THR A 122 3.00 12.26 26.51
C THR A 122 4.50 12.45 26.58
N GLY A 123 5.11 12.96 25.51
CA GLY A 123 6.54 13.21 25.52
C GLY A 123 7.45 12.10 25.01
N THR A 124 6.87 10.99 24.57
CA THR A 124 7.68 9.90 24.06
C THR A 124 8.42 10.34 22.79
N VAL A 125 9.75 10.26 22.80
CA VAL A 125 10.53 10.64 21.65
C VAL A 125 10.68 9.48 20.67
N ASN A 126 10.55 9.77 19.38
CA ASN A 126 10.69 8.73 18.37
C ASN A 126 11.70 9.22 17.34
N LYS A 127 12.64 8.36 16.99
CA LYS A 127 13.67 8.68 16.01
C LYS A 127 13.81 7.58 14.98
N GLU A 128 12.69 6.96 14.63
CA GLU A 128 12.68 5.87 13.65
C GLU A 128 12.92 6.40 12.25
N THR A 129 12.56 7.65 12.03
CA THR A 129 12.67 8.25 10.72
C THR A 129 12.67 9.77 10.93
N LEU A 130 13.12 10.52 9.93
CA LEU A 130 13.16 11.97 10.04
C LEU A 130 11.77 12.60 10.05
N ASN A 131 11.59 13.60 10.91
CA ASN A 131 10.31 14.28 10.99
C ASN A 131 10.10 14.99 9.65
N PRO A 132 9.03 14.64 8.91
CA PRO A 132 8.76 15.26 7.61
C PRO A 132 8.69 16.79 7.64
N LEU A 133 8.53 17.38 8.82
CA LEU A 133 8.49 18.85 8.93
C LEU A 133 9.85 19.44 8.60
N ALA A 134 10.90 18.64 8.77
CA ALA A 134 12.26 19.10 8.46
C ALA A 134 12.54 18.90 6.98
N SER A 135 11.72 19.52 6.14
CA SER A 135 11.84 19.39 4.69
C SER A 135 13.18 19.81 4.11
N ASP A 136 13.86 20.75 4.77
CA ASP A 136 15.16 21.19 4.30
C ASP A 136 16.16 20.05 4.42
N VAL A 137 16.16 19.37 5.56
CA VAL A 137 17.06 18.25 5.78
C VAL A 137 16.69 17.09 4.86
N ILE A 138 15.39 16.84 4.72
CA ILE A 138 14.89 15.77 3.88
C ILE A 138 15.34 15.98 2.43
N ARG A 139 15.09 17.18 1.91
CA ARG A 139 15.47 17.51 0.53
C ARG A 139 16.94 17.23 0.28
N LYS A 140 17.80 17.69 1.18
CA LYS A 140 19.23 17.47 1.02
C LYS A 140 19.62 16.00 1.11
N GLU A 141 19.39 15.40 2.26
CA GLU A 141 19.73 13.99 2.50
C GLU A 141 19.10 13.01 1.52
N TYR A 142 17.77 13.06 1.38
CA TYR A 142 17.13 12.13 0.45
C TYR A 142 17.60 12.40 -0.97
N GLY A 143 17.73 13.67 -1.33
CA GLY A 143 18.19 14.01 -2.66
C GLY A 143 19.54 13.38 -2.94
N GLU A 144 20.48 13.53 -2.01
CA GLU A 144 21.82 13.00 -2.16
C GLU A 144 21.84 11.47 -2.17
N LEU A 145 21.05 10.86 -1.29
CA LEU A 145 20.99 9.40 -1.23
C LEU A 145 20.43 8.84 -2.53
N TYR A 146 19.28 9.35 -2.97
CA TYR A 146 18.67 8.87 -4.21
C TYR A 146 19.61 9.02 -5.39
N THR A 147 20.28 10.17 -5.46
CA THR A 147 21.20 10.46 -6.55
C THR A 147 22.40 9.50 -6.54
N ALA A 148 23.02 9.32 -5.39
CA ALA A 148 24.16 8.43 -5.26
C ALA A 148 23.76 6.98 -5.51
N PHE A 149 22.56 6.61 -5.07
CA PHE A 149 22.05 5.27 -5.25
C PHE A 149 21.83 4.98 -6.74
N ALA A 150 21.31 5.97 -7.45
CA ALA A 150 21.04 5.81 -8.88
C ALA A 150 22.32 5.55 -9.65
N ALA A 151 23.36 6.30 -9.32
CA ALA A 151 24.65 6.16 -9.98
C ALA A 151 25.25 4.79 -9.73
N ALA A 152 25.31 4.39 -8.46
CA ALA A 152 25.88 3.10 -8.09
C ALA A 152 25.11 1.92 -8.66
N MET A 153 23.80 2.08 -8.84
CA MET A 153 22.98 0.99 -9.36
C MET A 153 22.67 1.07 -10.85
N LYS A 154 23.13 2.12 -11.51
CA LYS A 154 22.87 2.28 -12.95
C LYS A 154 23.23 1.04 -13.79
N PRO A 155 24.35 0.38 -13.48
CA PRO A 155 24.73 -0.81 -14.25
C PRO A 155 23.80 -2.02 -14.02
N TYR A 156 22.83 -1.85 -13.13
CA TYR A 156 21.89 -2.92 -12.83
C TYR A 156 20.47 -2.53 -13.24
N LYS A 157 20.37 -1.50 -14.05
CA LYS A 157 19.08 -1.00 -14.53
C LYS A 157 18.22 -2.11 -15.10
N ASP A 158 18.86 -3.06 -15.77
CA ASP A 158 18.14 -4.16 -16.38
C ASP A 158 17.34 -5.04 -15.42
N VAL A 159 17.76 -5.09 -14.15
CA VAL A 159 17.03 -5.91 -13.17
C VAL A 159 16.12 -5.12 -12.23
N ILE A 160 16.11 -3.79 -12.37
CA ILE A 160 15.26 -2.96 -11.52
C ILE A 160 13.94 -2.69 -12.22
N ALA A 161 12.87 -3.25 -11.67
CA ALA A 161 11.54 -3.11 -12.26
C ALA A 161 10.77 -1.92 -11.71
N LYS A 162 11.09 -1.54 -10.49
CA LYS A 162 10.40 -0.44 -9.84
C LYS A 162 11.21 0.00 -8.62
N ILE A 163 10.98 1.22 -8.16
CA ILE A 163 11.69 1.74 -6.99
C ILE A 163 10.67 2.25 -5.98
N TYR A 164 10.80 1.80 -4.73
CA TYR A 164 9.92 2.22 -3.64
C TYR A 164 10.63 3.24 -2.76
N LEU A 165 9.87 4.19 -2.24
CA LEU A 165 10.41 5.20 -1.34
C LEU A 165 9.82 4.94 0.05
N SER A 166 10.50 5.41 1.08
CA SER A 166 10.04 5.25 2.46
C SER A 166 9.54 6.60 2.96
N GLY A 167 8.22 6.70 3.16
CA GLY A 167 7.63 7.95 3.61
C GLY A 167 7.49 8.10 5.11
N GLY A 168 8.02 7.14 5.86
CA GLY A 168 7.92 7.22 7.30
C GLY A 168 8.27 5.90 7.97
N PRO A 169 7.84 5.69 9.23
CA PRO A 169 8.11 4.47 9.98
C PRO A 169 7.68 3.24 9.19
N ALA A 170 8.47 2.17 9.28
CA ALA A 170 8.18 0.92 8.59
C ALA A 170 8.03 1.08 7.09
N GLY A 171 8.62 2.14 6.55
CA GLY A 171 8.54 2.40 5.12
C GLY A 171 7.18 2.87 4.65
N GLU A 172 6.39 3.39 5.59
CA GLU A 172 5.05 3.87 5.26
C GLU A 172 4.88 5.35 5.55
N LEU A 173 4.10 6.03 4.71
CA LEU A 173 3.83 7.45 4.90
C LEU A 173 2.84 7.58 6.06
N ARG A 174 3.34 7.92 7.24
CA ARG A 174 2.50 8.04 8.42
C ARG A 174 3.36 8.54 9.57
N TYR A 175 2.72 8.80 10.70
CA TYR A 175 3.44 9.22 11.89
C TYR A 175 3.65 7.95 12.74
N PRO A 176 4.64 7.95 13.65
CA PRO A 176 4.88 6.78 14.49
C PRO A 176 3.95 6.88 15.71
N SER A 177 2.65 6.81 15.43
CA SER A 177 1.62 6.95 16.46
C SER A 177 1.28 5.70 17.24
N TYR A 178 1.73 4.54 16.76
CA TYR A 178 1.48 3.29 17.46
C TYR A 178 2.80 2.57 17.73
N THR A 179 3.31 2.74 18.96
CA THR A 179 4.57 2.13 19.37
C THR A 179 4.49 1.68 20.82
N THR A 180 5.27 0.65 21.15
CA THR A 180 5.29 0.09 22.51
C THR A 180 5.72 1.12 23.56
N SER A 181 6.75 1.90 23.26
CA SER A 181 7.27 2.91 24.19
C SER A 181 6.26 4.01 24.52
N ASP A 182 5.37 4.30 23.58
CA ASP A 182 4.37 5.35 23.74
C ASP A 182 3.07 4.77 24.30
N GLY A 183 3.04 3.45 24.49
CA GLY A 183 1.87 2.78 25.00
C GLY A 183 0.71 2.88 24.03
N THR A 184 1.03 2.88 22.74
CA THR A 184 -0.01 3.00 21.73
C THR A 184 0.01 1.88 20.69
N GLY A 185 0.62 0.75 21.05
CA GLY A 185 0.66 -0.37 20.13
C GLY A 185 -0.73 -0.90 19.90
N TYR A 186 -0.94 -1.60 18.78
CA TYR A 186 -2.24 -2.17 18.48
C TYR A 186 -2.72 -2.94 19.72
N PRO A 187 -4.02 -2.90 20.01
CA PRO A 187 -5.07 -2.20 19.26
C PRO A 187 -5.52 -0.90 19.92
N SER A 188 -4.64 -0.26 20.68
CA SER A 188 -5.01 0.98 21.36
C SER A 188 -5.07 2.19 20.45
N ARG A 189 -5.63 3.29 20.96
CA ARG A 189 -5.72 4.50 20.18
C ARG A 189 -4.29 4.97 19.95
N GLY A 190 -4.08 5.77 18.92
CA GLY A 190 -2.74 6.27 18.69
C GLY A 190 -2.61 7.61 19.38
N LYS A 191 -1.38 8.08 19.53
CA LYS A 191 -1.18 9.40 20.14
C LYS A 191 -0.63 10.29 19.03
N PHE A 192 -1.06 11.55 19.01
CA PHE A 192 -0.55 12.46 18.00
C PHE A 192 0.93 12.68 18.27
N GLN A 193 1.67 12.92 17.19
CA GLN A 193 3.11 13.09 17.28
C GLN A 193 3.59 14.47 16.84
N ALA A 194 2.91 15.51 17.31
CA ALA A 194 3.28 16.87 16.96
C ALA A 194 3.57 17.69 18.21
N TYR A 195 4.39 17.14 19.11
CA TYR A 195 4.68 17.86 20.36
C TYR A 195 6.10 18.34 20.59
N THR A 196 6.92 18.34 19.55
CA THR A 196 8.27 18.87 19.68
C THR A 196 8.01 20.38 19.62
N GLU A 197 8.94 21.19 20.07
CA GLU A 197 8.74 22.64 20.03
C GLU A 197 8.63 23.09 18.58
N PHE A 198 9.42 22.46 17.71
CA PHE A 198 9.42 22.78 16.29
C PHE A 198 8.06 22.54 15.66
N ALA A 199 7.43 21.42 16.00
CA ALA A 199 6.11 21.10 15.45
C ALA A 199 5.04 22.07 15.95
N LYS A 200 5.15 22.48 17.21
CA LYS A 200 4.19 23.41 17.77
C LYS A 200 4.36 24.75 17.05
N SER A 201 5.60 25.11 16.77
CA SER A 201 5.90 26.36 16.09
C SER A 201 5.37 26.35 14.66
N LYS A 202 5.55 25.22 13.97
CA LYS A 202 5.08 25.09 12.60
C LYS A 202 3.57 25.18 12.53
N PHE A 203 2.88 24.54 13.47
CA PHE A 203 1.44 24.58 13.47
C PHE A 203 0.97 26.01 13.72
N ARG A 204 1.62 26.66 14.69
CA ARG A 204 1.29 28.04 15.05
C ARG A 204 1.42 28.97 13.84
N LEU A 205 2.55 28.87 13.16
CA LEU A 205 2.83 29.71 12.00
C LEU A 205 1.89 29.40 10.85
N TRP A 206 1.53 28.12 10.70
CA TRP A 206 0.61 27.71 9.64
C TRP A 206 -0.78 28.30 9.91
N VAL A 207 -1.20 28.24 11.16
CA VAL A 207 -2.49 28.79 11.53
C VAL A 207 -2.52 30.30 11.31
N LEU A 208 -1.46 30.98 11.74
CA LEU A 208 -1.38 32.43 11.60
C LEU A 208 -1.29 32.84 10.13
N ASN A 209 -0.72 31.97 9.30
CA ASN A 209 -0.61 32.27 7.88
C ASN A 209 -2.00 32.18 7.28
N LYS A 210 -2.76 31.17 7.71
CA LYS A 210 -4.10 30.97 7.19
C LYS A 210 -5.05 32.09 7.56
N TYR A 211 -4.97 32.57 8.80
CA TYR A 211 -5.89 33.62 9.26
C TYR A 211 -5.31 35.02 9.44
N GLY A 212 -3.99 35.15 9.31
CA GLY A 212 -3.37 36.45 9.46
C GLY A 212 -3.06 36.89 10.88
N SER A 213 -4.08 36.95 11.73
CA SER A 213 -3.89 37.38 13.11
C SER A 213 -4.62 36.49 14.10
N LEU A 214 -4.20 36.55 15.36
CA LEU A 214 -4.81 35.76 16.41
C LEU A 214 -6.30 36.12 16.51
N ASN A 215 -6.61 37.40 16.33
CA ASN A 215 -7.99 37.85 16.40
C ASN A 215 -8.84 37.07 15.38
N GLU A 216 -8.31 36.90 14.18
CA GLU A 216 -9.01 36.17 13.13
C GLU A 216 -9.02 34.68 13.44
N VAL A 217 -7.98 34.21 14.12
CA VAL A 217 -7.93 32.80 14.51
C VAL A 217 -9.08 32.57 15.48
N ASN A 218 -9.14 33.40 16.53
CA ASN A 218 -10.21 33.29 17.52
C ASN A 218 -11.59 33.35 16.90
N LYS A 219 -11.76 34.18 15.87
CA LYS A 219 -13.06 34.30 15.20
C LYS A 219 -13.39 33.02 14.46
N ALA A 220 -12.41 32.47 13.75
CA ALA A 220 -12.60 31.25 12.99
C ALA A 220 -12.85 30.02 13.87
N TRP A 221 -12.17 29.94 15.01
CA TRP A 221 -12.35 28.78 15.89
C TRP A 221 -13.37 29.00 16.99
N GLY A 222 -13.78 30.24 17.19
CA GLY A 222 -14.74 30.54 18.23
C GLY A 222 -14.08 30.40 19.59
N THR A 223 -12.77 30.66 19.62
CA THR A 223 -12.00 30.56 20.84
C THR A 223 -11.68 31.92 21.44
N LYS A 224 -11.01 31.92 22.59
CA LYS A 224 -10.62 33.13 23.28
C LYS A 224 -9.17 33.04 23.70
N LEU A 225 -8.33 32.58 22.76
CA LEU A 225 -6.90 32.45 23.04
C LEU A 225 -6.37 33.83 23.39
N ILE A 226 -5.53 33.88 24.42
CA ILE A 226 -4.96 35.14 24.89
C ILE A 226 -3.72 35.56 24.12
N SER A 227 -2.94 34.60 23.65
CA SER A 227 -1.74 34.91 22.87
C SER A 227 -1.51 33.85 21.81
N GLU A 228 -0.63 34.18 20.86
CA GLU A 228 -0.31 33.26 19.78
C GLU A 228 0.25 31.95 20.36
N LEU A 229 0.91 32.05 21.50
CA LEU A 229 1.50 30.88 22.15
C LEU A 229 0.44 29.89 22.63
N ALA A 230 -0.81 30.33 22.66
CA ALA A 230 -1.90 29.46 23.07
C ALA A 230 -2.36 28.59 21.91
N ILE A 231 -1.87 28.90 20.70
CA ILE A 231 -2.21 28.09 19.52
C ILE A 231 -1.33 26.85 19.64
N LEU A 232 -1.94 25.72 19.94
CA LEU A 232 -1.20 24.48 20.14
C LEU A 232 -1.92 23.25 19.63
N PRO A 233 -1.20 22.13 19.47
CA PRO A 233 -1.82 20.89 19.01
C PRO A 233 -2.69 20.46 20.20
N PRO A 234 -3.53 19.42 20.04
CA PRO A 234 -4.39 18.97 21.14
C PRO A 234 -3.65 18.66 22.45
N SER A 235 -4.13 19.22 23.55
CA SER A 235 -3.51 18.97 24.86
C SER A 235 -4.06 17.68 25.44
N ASP A 236 -5.24 17.28 24.99
CA ASP A 236 -5.88 16.05 25.45
C ASP A 236 -6.26 15.23 24.23
N GLY A 237 -5.36 14.35 23.80
CA GLY A 237 -5.60 13.52 22.63
C GLY A 237 -6.90 12.77 22.64
N GLU A 238 -7.26 12.23 23.80
CA GLU A 238 -8.50 11.47 23.95
C GLU A 238 -9.72 12.34 23.68
N GLN A 239 -9.78 13.48 24.36
CA GLN A 239 -10.90 14.39 24.18
C GLN A 239 -10.96 14.86 22.73
N PHE A 240 -9.80 15.08 22.12
CA PHE A 240 -9.80 15.53 20.73
C PHE A 240 -10.47 14.50 19.83
N LEU A 241 -10.10 13.23 20.03
CA LEU A 241 -10.64 12.13 19.24
C LEU A 241 -12.11 11.84 19.53
N MET A 242 -12.56 12.23 20.72
CA MET A 242 -13.94 12.02 21.09
C MET A 242 -14.86 13.05 20.45
N ASN A 243 -14.47 14.32 20.53
CA ASN A 243 -15.31 15.39 19.98
C ASN A 243 -14.57 16.61 19.45
N GLY A 244 -13.32 16.80 19.86
CA GLY A 244 -12.57 17.95 19.39
C GLY A 244 -12.41 18.03 17.89
N TYR A 245 -12.26 16.87 17.24
CA TYR A 245 -12.07 16.82 15.80
C TYR A 245 -13.19 17.46 14.99
N LEU A 246 -14.36 17.59 15.61
CA LEU A 246 -15.53 18.15 14.93
C LEU A 246 -15.48 19.67 14.79
N SER A 247 -14.75 20.34 15.67
CA SER A 247 -14.66 21.80 15.65
C SER A 247 -13.82 22.31 14.48
N MET A 248 -13.93 23.62 14.21
CA MET A 248 -13.16 24.22 13.13
C MET A 248 -11.69 24.09 13.51
N TYR A 249 -11.40 24.14 14.80
CA TYR A 249 -10.03 23.98 15.25
C TYR A 249 -9.56 22.59 14.84
N GLY A 250 -10.37 21.59 15.17
CA GLY A 250 -10.04 20.22 14.86
C GLY A 250 -9.80 19.99 13.37
N LYS A 251 -10.68 20.55 12.55
CA LYS A 251 -10.55 20.43 11.11
C LYS A 251 -9.23 21.06 10.64
N ASP A 252 -8.91 22.23 11.20
CA ASP A 252 -7.66 22.90 10.84
C ASP A 252 -6.45 22.11 11.31
N TYR A 253 -6.49 21.63 12.55
CA TYR A 253 -5.37 20.86 13.07
C TYR A 253 -5.09 19.63 12.21
N LEU A 254 -6.15 18.89 11.88
CA LEU A 254 -6.01 17.68 11.08
C LEU A 254 -5.59 17.99 9.65
N GLU A 255 -6.01 19.14 9.13
CA GLU A 255 -5.63 19.53 7.78
C GLU A 255 -4.12 19.73 7.75
N TRP A 256 -3.61 20.43 8.76
CA TRP A 256 -2.18 20.69 8.90
C TRP A 256 -1.42 19.38 9.11
N TYR A 257 -1.87 18.62 10.10
CA TYR A 257 -1.25 17.34 10.46
C TYR A 257 -1.13 16.40 9.25
N GLN A 258 -2.24 16.18 8.54
CA GLN A 258 -2.17 15.31 7.37
C GLN A 258 -1.43 16.02 6.24
N GLY A 259 -1.60 17.33 6.18
CA GLY A 259 -0.96 18.13 5.15
C GLY A 259 0.55 17.94 5.10
N ILE A 260 1.16 17.77 6.26
CA ILE A 260 2.60 17.55 6.34
C ILE A 260 2.98 16.30 5.57
N LEU A 261 2.18 15.23 5.70
CA LEU A 261 2.47 13.99 5.01
C LEU A 261 2.26 14.16 3.50
N GLU A 262 1.28 14.97 3.12
CA GLU A 262 0.99 15.19 1.71
C GLU A 262 2.13 15.98 1.06
N ASN A 263 2.68 16.95 1.80
CA ASN A 263 3.80 17.73 1.27
C ASN A 263 5.05 16.87 1.18
N HIS A 264 5.22 16.00 2.18
CA HIS A 264 6.37 15.11 2.23
C HIS A 264 6.30 14.17 1.02
N THR A 265 5.09 13.72 0.70
CA THR A 265 4.87 12.84 -0.43
C THR A 265 5.32 13.53 -1.72
N LYS A 266 4.90 14.78 -1.89
CA LYS A 266 5.28 15.54 -3.08
C LYS A 266 6.78 15.76 -3.16
N LEU A 267 7.40 16.03 -2.01
CA LEU A 267 8.85 16.25 -1.95
C LEU A 267 9.65 15.02 -2.35
N ILE A 268 9.43 13.91 -1.65
CA ILE A 268 10.19 12.70 -1.97
C ILE A 268 9.90 12.19 -3.37
N GLY A 269 8.68 12.43 -3.86
CA GLY A 269 8.33 12.00 -5.20
C GLY A 269 9.15 12.81 -6.19
N GLU A 270 9.28 14.11 -5.92
CA GLU A 270 10.04 15.02 -6.77
C GLU A 270 11.50 14.61 -6.78
N LEU A 271 12.06 14.40 -5.60
CA LEU A 271 13.45 14.00 -5.46
C LEU A 271 13.75 12.67 -6.15
N ALA A 272 12.84 11.71 -6.01
CA ALA A 272 13.01 10.39 -6.62
C ALA A 272 12.96 10.43 -8.14
N HIS A 273 11.97 11.12 -8.68
CA HIS A 273 11.84 11.21 -10.13
C HIS A 273 13.05 11.91 -10.73
N ASN A 274 13.56 12.92 -10.04
CA ASN A 274 14.74 13.65 -10.52
C ASN A 274 15.94 12.72 -10.56
N ALA A 275 16.08 11.91 -9.53
CA ALA A 275 17.23 11.01 -9.43
C ALA A 275 17.11 9.72 -10.23
N PHE A 276 15.90 9.27 -10.51
CA PHE A 276 15.72 8.00 -11.21
C PHE A 276 15.15 7.96 -12.62
N ASP A 277 14.23 8.85 -12.94
CA ASP A 277 13.61 8.83 -14.25
C ASP A 277 14.54 8.68 -15.45
N THR A 278 15.64 9.42 -15.46
CA THR A 278 16.57 9.33 -16.57
C THR A 278 17.35 8.02 -16.59
N THR A 279 17.92 7.66 -15.45
CA THR A 279 18.71 6.44 -15.35
C THR A 279 17.93 5.13 -15.49
N PHE A 280 16.81 5.02 -14.79
CA PHE A 280 16.02 3.78 -14.84
C PHE A 280 14.71 3.88 -15.58
N GLN A 281 14.02 5.00 -15.41
CA GLN A 281 12.74 5.21 -16.07
C GLN A 281 11.77 4.08 -15.73
N VAL A 282 11.53 3.89 -14.44
CA VAL A 282 10.62 2.86 -13.96
C VAL A 282 9.60 3.48 -13.01
N PRO A 283 8.49 2.78 -12.76
CA PRO A 283 7.49 3.33 -11.84
C PRO A 283 8.13 3.54 -10.45
N ILE A 284 7.64 4.53 -9.73
CA ILE A 284 8.13 4.82 -8.39
C ILE A 284 6.92 4.79 -7.48
N GLY A 285 7.05 4.23 -6.27
CA GLY A 285 5.91 4.17 -5.39
C GLY A 285 6.23 4.44 -3.93
N ALA A 286 5.17 4.56 -3.13
CA ALA A 286 5.29 4.79 -1.69
C ALA A 286 4.22 3.96 -1.02
N LYS A 287 4.29 3.81 0.30
CA LYS A 287 3.34 2.98 1.01
C LYS A 287 2.45 3.66 2.03
N ILE A 288 1.24 3.14 2.16
CA ILE A 288 0.26 3.64 3.12
C ILE A 288 -0.07 2.47 4.05
N ALA A 289 -0.05 2.72 5.35
CA ALA A 289 -0.33 1.67 6.32
C ALA A 289 -1.81 1.40 6.47
N GLY A 290 -2.13 0.18 6.86
CA GLY A 290 -3.52 -0.21 7.08
C GLY A 290 -3.76 -0.15 8.58
N VAL A 291 -4.11 1.02 9.09
CA VAL A 291 -4.36 1.18 10.52
C VAL A 291 -5.84 0.87 10.71
N HIS A 292 -6.13 -0.43 10.83
CA HIS A 292 -7.50 -0.93 10.93
C HIS A 292 -8.16 -0.95 12.30
N TRP A 293 -7.39 -0.81 13.38
CA TRP A 293 -7.99 -0.83 14.72
C TRP A 293 -8.55 0.52 15.12
N GLN A 294 -9.57 0.49 15.99
CA GLN A 294 -10.26 1.69 16.47
C GLN A 294 -11.01 2.36 15.30
N TYR A 295 -11.19 1.61 14.23
CA TYR A 295 -11.86 2.12 13.04
C TYR A 295 -13.27 2.59 13.37
N ASN A 296 -14.06 1.70 13.97
CA ASN A 296 -15.44 2.03 14.30
C ASN A 296 -15.71 2.19 15.81
N ASN A 297 -14.72 2.68 16.55
CA ASN A 297 -14.90 2.88 17.97
C ASN A 297 -15.88 4.05 18.12
N PRO A 298 -17.04 3.82 18.75
CA PRO A 298 -18.05 4.86 18.94
C PRO A 298 -17.54 6.12 19.65
N THR A 299 -16.74 5.89 20.69
CA THR A 299 -16.17 6.97 21.50
C THR A 299 -15.09 7.75 20.77
N ILE A 300 -14.14 7.05 20.16
CA ILE A 300 -13.06 7.71 19.44
C ILE A 300 -12.97 7.19 18.00
N PRO A 301 -13.88 7.67 17.12
CA PRO A 301 -13.93 7.27 15.71
C PRO A 301 -12.57 7.33 15.02
N HIS A 302 -12.17 6.23 14.40
CA HIS A 302 -10.89 6.16 13.69
C HIS A 302 -9.81 6.67 14.61
N GLY A 303 -9.88 6.21 15.87
CA GLY A 303 -8.95 6.64 16.89
C GLY A 303 -7.49 6.27 16.72
N ALA A 304 -7.17 5.42 15.74
CA ALA A 304 -5.77 5.04 15.50
C ALA A 304 -5.27 5.66 14.19
N GLU A 305 -6.17 5.78 13.22
CA GLU A 305 -5.83 6.36 11.92
C GLU A 305 -5.48 7.85 11.99
N LYS A 306 -6.33 8.64 12.65
CA LYS A 306 -6.08 10.08 12.70
C LYS A 306 -4.71 10.41 13.30
N PRO A 307 -4.34 9.76 14.43
CA PRO A 307 -3.03 10.07 15.00
C PRO A 307 -1.90 9.61 14.06
N ALA A 308 -2.18 8.59 13.26
CA ALA A 308 -1.20 8.06 12.31
C ALA A 308 -1.04 9.05 11.16
N GLY A 309 -2.01 9.97 11.05
CA GLY A 309 -1.99 10.99 10.02
C GLY A 309 -3.05 10.80 8.96
N TYR A 310 -3.90 9.79 9.14
CA TYR A 310 -4.93 9.49 8.16
C TYR A 310 -6.32 10.01 8.52
N ASN A 311 -6.63 11.22 8.06
CA ASN A 311 -7.93 11.81 8.35
C ASN A 311 -8.82 11.82 7.10
N ASP A 312 -8.21 12.03 5.95
CA ASP A 312 -8.94 12.09 4.69
C ASP A 312 -8.16 11.36 3.59
N TYR A 313 -8.49 10.09 3.36
CA TYR A 313 -7.81 9.27 2.36
C TYR A 313 -7.91 9.81 0.93
N SER A 314 -9.05 10.40 0.59
CA SER A 314 -9.19 10.95 -0.76
C SER A 314 -8.13 12.02 -0.97
N HIS A 315 -8.02 12.92 0.01
CA HIS A 315 -7.05 14.00 -0.04
C HIS A 315 -5.62 13.45 -0.01
N LEU A 316 -5.39 12.43 0.81
CA LEU A 316 -4.08 11.82 0.91
C LEU A 316 -3.64 11.22 -0.43
N LEU A 317 -4.54 10.48 -1.06
CA LEU A 317 -4.23 9.87 -2.34
C LEU A 317 -3.98 10.90 -3.45
N ASP A 318 -4.66 12.04 -3.38
CA ASP A 318 -4.46 13.07 -4.39
C ASP A 318 -2.99 13.49 -4.40
N ALA A 319 -2.36 13.48 -3.24
CA ALA A 319 -0.96 13.86 -3.13
C ALA A 319 -0.09 12.84 -3.87
N PHE A 320 -0.48 11.57 -3.83
CA PHE A 320 0.28 10.53 -4.52
C PHE A 320 0.15 10.74 -6.03
N LYS A 321 -1.05 11.09 -6.47
CA LYS A 321 -1.29 11.31 -7.89
C LYS A 321 -0.41 12.48 -8.36
N SER A 322 -0.45 13.59 -7.62
CA SER A 322 0.34 14.77 -7.95
C SER A 322 1.83 14.49 -7.96
N ALA A 323 2.29 13.62 -7.08
CA ALA A 323 3.71 13.30 -7.01
C ALA A 323 4.11 12.19 -7.99
N LYS A 324 3.16 11.69 -8.76
CA LYS A 324 3.45 10.63 -9.73
C LYS A 324 4.03 9.40 -9.03
N LEU A 325 3.42 9.02 -7.92
CA LEU A 325 3.86 7.86 -7.15
C LEU A 325 2.74 6.83 -7.08
N ASP A 326 3.08 5.57 -7.35
CA ASP A 326 2.08 4.51 -7.27
C ASP A 326 1.87 4.28 -5.78
N VAL A 327 0.71 3.73 -5.42
CA VAL A 327 0.42 3.49 -4.01
C VAL A 327 0.34 2.00 -3.67
N THR A 328 0.88 1.66 -2.51
CA THR A 328 0.83 0.29 -2.02
C THR A 328 0.15 0.34 -0.67
N PHE A 329 -0.94 -0.40 -0.51
CA PHE A 329 -1.64 -0.44 0.76
C PHE A 329 -1.16 -1.76 1.35
N THR A 330 -0.70 -1.74 2.59
CA THR A 330 -0.12 -2.92 3.22
C THR A 330 -0.92 -3.87 4.12
N CYS A 331 -2.22 -4.02 3.89
CA CYS A 331 -3.00 -4.92 4.74
C CYS A 331 -4.24 -5.47 4.02
N LEU A 332 -4.05 -6.53 3.23
CA LEU A 332 -5.13 -7.14 2.46
C LEU A 332 -5.65 -8.51 2.89
N GLU A 333 -4.90 -9.21 3.75
CA GLU A 333 -5.30 -10.55 4.14
C GLU A 333 -6.28 -10.70 5.30
N MET A 334 -6.76 -9.60 5.86
CA MET A 334 -7.65 -9.67 7.01
C MET A 334 -9.15 -9.46 6.76
N THR A 335 -9.95 -9.86 7.75
CA THR A 335 -11.41 -9.74 7.69
C THR A 335 -11.92 -8.68 8.68
N ASP A 336 -13.07 -8.09 8.37
CA ASP A 336 -13.66 -7.09 9.26
C ASP A 336 -14.14 -7.75 10.56
N LYS A 337 -13.92 -7.07 11.69
CA LYS A 337 -14.36 -7.57 12.98
C LYS A 337 -15.31 -6.51 13.53
N GLY A 338 -14.79 -5.30 13.70
CA GLY A 338 -15.57 -4.18 14.19
C GLY A 338 -16.14 -4.34 15.59
N SER A 339 -15.58 -5.25 16.36
CA SER A 339 -16.06 -5.49 17.72
C SER A 339 -15.09 -5.01 18.79
N TYR A 340 -15.63 -4.70 19.95
CA TYR A 340 -14.82 -4.25 21.09
C TYR A 340 -13.87 -5.38 21.48
N PRO A 341 -12.64 -5.04 21.91
CA PRO A 341 -12.10 -3.69 22.07
C PRO A 341 -11.28 -3.17 20.88
N GLU A 342 -11.03 -4.01 19.89
CA GLU A 342 -10.20 -3.61 18.75
C GLU A 342 -10.88 -2.76 17.67
N TYR A 343 -12.20 -2.92 17.52
CA TYR A 343 -12.95 -2.18 16.51
C TYR A 343 -12.18 -2.18 15.20
N SER A 344 -11.78 -3.38 14.78
CA SER A 344 -10.99 -3.59 13.57
C SER A 344 -11.80 -3.86 12.31
N MET A 345 -11.60 -3.00 11.30
CA MET A 345 -12.31 -3.13 10.02
C MET A 345 -11.33 -3.02 8.86
N PRO A 346 -10.35 -3.95 8.80
CA PRO A 346 -9.34 -3.94 7.72
C PRO A 346 -9.87 -4.15 6.30
N LYS A 347 -10.85 -5.03 6.15
CA LYS A 347 -11.41 -5.29 4.83
C LYS A 347 -12.15 -4.07 4.29
N THR A 348 -12.94 -3.44 5.15
CA THR A 348 -13.68 -2.25 4.76
C THR A 348 -12.70 -1.14 4.38
N LEU A 349 -11.62 -1.06 5.17
CA LEU A 349 -10.59 -0.06 4.96
C LEU A 349 -9.96 -0.24 3.57
N VAL A 350 -9.56 -1.45 3.25
CA VAL A 350 -8.94 -1.73 1.96
C VAL A 350 -9.88 -1.42 0.80
N GLN A 351 -11.15 -1.78 0.94
CA GLN A 351 -12.12 -1.54 -0.13
C GLN A 351 -12.27 -0.04 -0.40
N ASN A 352 -12.34 0.75 0.65
CA ASN A 352 -12.49 2.20 0.51
C ASN A 352 -11.26 2.79 -0.17
N ILE A 353 -10.09 2.35 0.27
CA ILE A 353 -8.83 2.84 -0.29
C ILE A 353 -8.70 2.46 -1.75
N ALA A 354 -8.99 1.21 -2.06
CA ALA A 354 -8.90 0.72 -3.43
C ALA A 354 -9.86 1.47 -4.34
N THR A 355 -11.06 1.76 -3.83
CA THR A 355 -12.07 2.49 -4.60
C THR A 355 -11.59 3.88 -4.95
N LEU A 356 -11.03 4.59 -3.97
CA LEU A 356 -10.53 5.94 -4.21
C LEU A 356 -9.39 5.90 -5.22
N ALA A 357 -8.49 4.94 -5.05
CA ALA A 357 -7.35 4.80 -5.95
C ALA A 357 -7.81 4.57 -7.38
N ASN A 358 -8.75 3.64 -7.56
CA ASN A 358 -9.26 3.34 -8.89
C ASN A 358 -9.93 4.56 -9.51
N GLU A 359 -10.73 5.27 -8.71
CA GLU A 359 -11.42 6.45 -9.20
C GLU A 359 -10.43 7.53 -9.64
N LYS A 360 -9.33 7.66 -8.91
CA LYS A 360 -8.31 8.66 -9.22
C LYS A 360 -7.30 8.22 -10.27
N GLY A 361 -7.39 6.97 -10.70
CA GLY A 361 -6.47 6.47 -11.69
C GLY A 361 -5.07 6.26 -11.13
N ILE A 362 -4.99 5.88 -9.86
CA ILE A 362 -3.71 5.65 -9.21
C ILE A 362 -3.40 4.15 -9.22
N VAL A 363 -2.23 3.78 -9.73
CA VAL A 363 -1.85 2.36 -9.76
C VAL A 363 -1.84 1.89 -8.31
N LEU A 364 -2.60 0.84 -8.02
CA LEU A 364 -2.71 0.34 -6.67
C LEU A 364 -2.10 -1.04 -6.46
N ASN A 365 -1.22 -1.15 -5.46
CA ASN A 365 -0.57 -2.41 -5.12
C ASN A 365 -0.92 -2.78 -3.68
N GLY A 366 -0.82 -4.06 -3.35
CA GLY A 366 -1.14 -4.48 -2.00
C GLY A 366 -0.11 -5.40 -1.37
N GLU A 367 -0.21 -5.57 -0.06
CA GLU A 367 0.70 -6.44 0.70
C GLU A 367 -0.14 -7.02 1.84
N ASN A 368 0.38 -8.09 2.45
CA ASN A 368 -0.28 -8.69 3.60
C ASN A 368 0.45 -8.06 4.79
N ALA A 369 -0.28 -7.72 5.83
CA ALA A 369 0.31 -7.10 7.01
C ALA A 369 1.14 -8.06 7.86
N LEU A 370 0.63 -9.28 8.03
CA LEU A 370 1.32 -10.27 8.84
C LEU A 370 1.62 -11.53 8.04
N SER A 371 2.63 -12.28 8.48
CA SER A 371 3.00 -13.51 7.80
C SER A 371 1.76 -14.38 7.63
N ILE A 372 1.67 -15.04 6.48
CA ILE A 372 0.53 -15.90 6.21
C ILE A 372 0.92 -17.35 6.37
N GLY A 373 0.15 -18.07 7.21
CA GLY A 373 0.45 -19.46 7.43
C GLY A 373 -0.62 -20.41 6.93
N ASN A 374 -1.72 -19.85 6.44
CA ASN A 374 -2.82 -20.67 5.94
C ASN A 374 -3.35 -20.22 4.59
N GLU A 375 -3.85 -21.18 3.81
CA GLU A 375 -4.40 -20.91 2.49
C GLU A 375 -5.59 -19.96 2.52
N GLU A 376 -6.31 -19.93 3.64
CA GLU A 376 -7.47 -19.05 3.75
C GLU A 376 -7.06 -17.59 3.58
N GLU A 377 -5.94 -17.20 4.17
CA GLU A 377 -5.47 -15.82 4.04
C GLU A 377 -5.15 -15.52 2.59
N TYR A 378 -4.66 -16.52 1.85
CA TYR A 378 -4.34 -16.29 0.45
C TYR A 378 -5.63 -16.01 -0.33
N LYS A 379 -6.68 -16.73 0.00
CA LYS A 379 -7.96 -16.55 -0.68
C LYS A 379 -8.53 -15.17 -0.36
N ARG A 380 -8.28 -14.70 0.86
CA ARG A 380 -8.77 -13.37 1.25
C ARG A 380 -7.99 -12.33 0.47
N VAL A 381 -6.69 -12.55 0.32
CA VAL A 381 -5.88 -11.62 -0.44
C VAL A 381 -6.37 -11.61 -1.89
N ALA A 382 -6.56 -12.81 -2.45
CA ALA A 382 -7.02 -12.94 -3.83
C ALA A 382 -8.34 -12.22 -4.05
N GLU A 383 -9.30 -12.39 -3.14
CA GLU A 383 -10.58 -11.72 -3.28
C GLU A 383 -10.39 -10.22 -3.44
N MET A 384 -9.54 -9.65 -2.60
CA MET A 384 -9.27 -8.21 -2.66
C MET A 384 -8.48 -7.80 -3.90
N ALA A 385 -7.37 -8.49 -4.16
CA ALA A 385 -6.53 -8.16 -5.30
C ALA A 385 -7.24 -8.26 -6.65
N PHE A 386 -8.00 -9.33 -6.84
CA PHE A 386 -8.66 -9.56 -8.12
C PHE A 386 -10.06 -8.98 -8.29
N ASN A 387 -10.60 -8.37 -7.25
CA ASN A 387 -11.91 -7.76 -7.36
C ASN A 387 -11.84 -6.25 -7.19
N TYR A 388 -10.71 -5.76 -6.70
CA TYR A 388 -10.55 -4.33 -6.51
C TYR A 388 -9.45 -3.70 -7.36
N ASN A 389 -9.18 -4.37 -8.49
CA ASN A 389 -8.22 -3.88 -9.48
C ASN A 389 -6.77 -3.65 -9.06
N PHE A 390 -6.23 -4.47 -8.15
CA PHE A 390 -4.85 -4.29 -7.74
C PHE A 390 -3.88 -4.68 -8.87
N ALA A 391 -2.88 -3.84 -9.10
CA ALA A 391 -1.90 -4.10 -10.16
C ALA A 391 -0.77 -4.99 -9.66
N GLY A 392 -0.76 -5.25 -8.35
CA GLY A 392 0.27 -6.10 -7.81
C GLY A 392 0.05 -6.46 -6.36
N PHE A 393 0.65 -7.57 -5.95
CA PHE A 393 0.57 -8.02 -4.56
C PHE A 393 1.95 -8.48 -4.14
N THR A 394 2.40 -7.99 -2.99
CA THR A 394 3.72 -8.35 -2.48
C THR A 394 3.56 -9.16 -1.20
N LEU A 395 4.11 -10.37 -1.20
CA LEU A 395 4.01 -11.23 -0.03
C LEU A 395 5.12 -11.05 0.99
N LEU A 396 4.71 -10.74 2.22
CA LEU A 396 5.65 -10.61 3.32
C LEU A 396 5.51 -12.00 3.95
N ARG A 397 6.58 -12.80 4.03
CA ARG A 397 7.92 -12.44 3.55
C ARG A 397 8.66 -13.71 3.10
N TYR A 398 9.72 -13.48 2.32
CA TYR A 398 10.61 -14.51 1.78
C TYR A 398 10.52 -15.92 2.40
N GLN A 399 10.99 -16.04 3.63
CA GLN A 399 11.05 -17.33 4.32
C GLN A 399 9.75 -18.11 4.44
N ASP A 400 8.63 -17.41 4.61
CA ASP A 400 7.34 -18.06 4.77
C ASP A 400 6.99 -19.05 3.67
N VAL A 401 7.37 -18.75 2.42
CA VAL A 401 7.07 -19.66 1.33
C VAL A 401 8.30 -20.37 0.79
N MET A 402 9.46 -19.75 0.95
CA MET A 402 10.68 -20.35 0.45
C MET A 402 10.96 -21.66 1.18
N TYR A 403 10.64 -21.69 2.48
CA TYR A 403 10.88 -22.87 3.29
C TYR A 403 9.62 -23.63 3.67
N ASN A 404 8.62 -23.59 2.81
CA ASN A 404 7.35 -24.29 3.02
C ASN A 404 6.76 -24.58 1.65
N ASN A 405 7.15 -25.71 1.06
CA ASN A 405 6.69 -26.10 -0.27
C ASN A 405 5.18 -26.13 -0.37
N SER A 406 4.52 -26.58 0.69
CA SER A 406 3.07 -26.65 0.71
C SER A 406 2.45 -25.28 0.52
N LEU A 407 2.88 -24.33 1.35
CA LEU A 407 2.37 -22.97 1.28
C LEU A 407 2.75 -22.32 -0.05
N MET A 408 3.98 -22.58 -0.50
CA MET A 408 4.45 -22.02 -1.77
C MET A 408 3.52 -22.47 -2.91
N GLY A 409 3.09 -23.72 -2.86
CA GLY A 409 2.20 -24.24 -3.90
C GLY A 409 0.82 -23.60 -3.86
N LYS A 410 0.33 -23.30 -2.66
CA LYS A 410 -0.97 -22.66 -2.52
C LYS A 410 -0.86 -21.26 -3.11
N PHE A 411 0.26 -20.59 -2.84
CA PHE A 411 0.45 -19.25 -3.35
C PHE A 411 0.48 -19.23 -4.87
N LYS A 412 1.25 -20.14 -5.47
CA LYS A 412 1.35 -20.20 -6.91
C LYS A 412 -0.04 -20.34 -7.53
N ASP A 413 -0.83 -21.25 -6.97
CA ASP A 413 -2.18 -21.48 -7.46
C ASP A 413 -3.11 -20.28 -7.36
N LEU A 414 -3.19 -19.70 -6.17
CA LEU A 414 -4.08 -18.56 -5.92
C LEU A 414 -3.59 -17.17 -6.26
N LEU A 415 -2.30 -16.90 -6.06
CA LEU A 415 -1.77 -15.55 -6.28
C LEU A 415 -0.63 -15.39 -7.29
N GLY A 416 0.10 -16.47 -7.57
CA GLY A 416 1.20 -16.37 -8.52
C GLY A 416 0.74 -16.63 -9.94
N VAL A 417 -0.33 -15.96 -10.34
CA VAL A 417 -0.91 -16.14 -11.66
C VAL A 417 -0.54 -15.08 -12.69
N THR A 418 -0.57 -15.49 -13.96
CA THR A 418 -0.27 -14.58 -15.06
C THR A 418 -1.60 -14.26 -15.71
N PRO A 419 -1.97 -12.98 -15.79
CA PRO A 419 -3.24 -12.61 -16.40
C PRO A 419 -3.20 -12.80 -17.91
N VAL A 420 -4.29 -13.30 -18.48
CA VAL A 420 -4.35 -13.49 -19.92
C VAL A 420 -5.75 -13.13 -20.42
N MET A 421 -5.79 -12.37 -21.50
CA MET A 421 -7.04 -11.94 -22.11
C MET A 421 -7.71 -13.14 -22.76
N GLN A 422 -9.01 -13.29 -22.54
CA GLN A 422 -9.78 -14.38 -23.12
C GLN A 422 -11.15 -13.85 -23.45
N THR A 423 -11.74 -14.37 -24.53
CA THR A 423 -13.06 -13.94 -24.94
C THR A 423 -14.08 -15.00 -24.53
N ILE A 424 -15.09 -14.56 -23.79
CA ILE A 424 -16.15 -15.46 -23.35
C ILE A 424 -17.38 -15.18 -24.21
N VAL A 425 -17.94 -16.22 -24.81
CA VAL A 425 -19.12 -16.07 -25.64
C VAL A 425 -20.24 -16.99 -25.18
N VAL A 426 -21.41 -16.42 -24.92
CA VAL A 426 -22.56 -17.22 -24.49
C VAL A 426 -23.68 -16.99 -25.49
N LYS A 427 -24.15 -18.07 -26.08
CA LYS A 427 -25.21 -18.00 -27.08
C LYS A 427 -26.59 -18.38 -26.53
N ASN A 428 -27.61 -18.05 -27.32
CA ASN A 428 -28.99 -18.38 -26.98
C ASN A 428 -29.46 -17.89 -25.62
N VAL A 429 -29.03 -16.69 -25.25
CA VAL A 429 -29.41 -16.10 -23.97
C VAL A 429 -30.80 -15.49 -24.06
N PRO A 430 -31.76 -15.98 -23.26
CA PRO A 430 -33.12 -15.48 -23.26
C PRO A 430 -33.31 -14.17 -22.48
N THR A 431 -32.69 -13.11 -22.97
CA THR A 431 -32.78 -11.80 -22.33
C THR A 431 -33.94 -11.01 -22.90
N THR A 432 -34.40 -10.03 -22.14
CA THR A 432 -35.49 -9.17 -22.59
C THR A 432 -35.01 -7.74 -22.44
N ILE A 433 -35.76 -6.79 -22.99
CA ILE A 433 -35.39 -5.38 -22.92
C ILE A 433 -35.00 -4.98 -21.51
N GLY A 434 -33.82 -4.37 -21.37
CA GLY A 434 -33.36 -3.94 -20.07
C GLY A 434 -32.44 -4.91 -19.35
N ASP A 435 -32.41 -6.16 -19.79
CA ASP A 435 -31.55 -7.15 -19.15
C ASP A 435 -30.09 -6.98 -19.52
N THR A 436 -29.21 -7.36 -18.60
CA THR A 436 -27.77 -7.31 -18.84
C THR A 436 -27.27 -8.72 -18.51
N VAL A 437 -26.15 -9.10 -19.11
CA VAL A 437 -25.61 -10.43 -18.87
C VAL A 437 -24.22 -10.36 -18.27
N TYR A 438 -23.97 -11.28 -17.34
CA TYR A 438 -22.67 -11.36 -16.66
C TYR A 438 -22.30 -12.82 -16.47
N ILE A 439 -21.07 -13.03 -16.01
CA ILE A 439 -20.61 -14.37 -15.69
C ILE A 439 -19.99 -14.22 -14.30
N THR A 440 -19.97 -15.31 -13.55
CA THR A 440 -19.38 -15.32 -12.23
C THR A 440 -18.83 -16.73 -12.11
N GLY A 441 -17.79 -16.91 -11.31
CA GLY A 441 -17.20 -18.23 -11.19
C GLY A 441 -16.60 -18.55 -9.84
N ASN A 442 -15.98 -19.73 -9.72
CA ASN A 442 -15.41 -20.16 -8.47
C ASN A 442 -14.21 -19.36 -7.95
N ARG A 443 -13.21 -19.15 -8.80
CA ARG A 443 -12.03 -18.40 -8.38
C ARG A 443 -12.28 -16.91 -8.11
N ALA A 444 -11.41 -16.31 -7.31
CA ALA A 444 -11.52 -14.91 -6.97
C ALA A 444 -11.51 -14.06 -8.24
N GLU A 445 -10.75 -14.50 -9.24
CA GLU A 445 -10.65 -13.75 -10.49
C GLU A 445 -12.02 -13.69 -11.17
N LEU A 446 -12.91 -14.59 -10.79
CA LEU A 446 -14.25 -14.63 -11.35
C LEU A 446 -15.31 -14.14 -10.39
N GLY A 447 -14.88 -13.50 -9.30
CA GLY A 447 -15.83 -12.98 -8.32
C GLY A 447 -16.33 -13.97 -7.30
N SER A 448 -15.76 -15.17 -7.29
CA SER A 448 -16.16 -16.22 -6.35
C SER A 448 -17.68 -16.38 -6.22
N TRP A 449 -18.34 -16.63 -7.34
CA TRP A 449 -19.78 -16.85 -7.38
C TRP A 449 -20.65 -15.68 -6.90
N ASP A 450 -20.05 -14.51 -6.70
CA ASP A 450 -20.82 -13.36 -6.26
C ASP A 450 -21.54 -12.78 -7.47
N THR A 451 -22.82 -12.49 -7.32
CA THR A 451 -23.59 -11.93 -8.42
C THR A 451 -23.99 -10.50 -8.12
N LYS A 452 -23.82 -10.09 -6.87
CA LYS A 452 -24.21 -8.75 -6.48
C LYS A 452 -23.18 -7.68 -6.82
N GLN A 453 -21.94 -7.84 -6.38
CA GLN A 453 -20.93 -6.82 -6.64
C GLN A 453 -19.72 -7.21 -7.48
N TYR A 454 -19.37 -8.49 -7.54
CA TYR A 454 -18.20 -8.92 -8.31
C TYR A 454 -18.39 -9.59 -9.66
N PRO A 455 -19.63 -9.69 -10.17
CA PRO A 455 -19.75 -10.36 -11.48
C PRO A 455 -19.09 -9.59 -12.62
N ILE A 456 -18.67 -10.33 -13.64
CA ILE A 456 -18.03 -9.73 -14.81
C ILE A 456 -19.09 -9.58 -15.89
N GLN A 457 -19.26 -8.38 -16.41
CA GLN A 457 -20.28 -8.12 -17.42
C GLN A 457 -19.94 -8.51 -18.86
N LEU A 458 -20.94 -9.05 -19.54
CA LEU A 458 -20.81 -9.43 -20.95
C LEU A 458 -21.60 -8.39 -21.73
N TYR A 459 -21.38 -8.34 -23.04
CA TYR A 459 -22.07 -7.36 -23.88
C TYR A 459 -22.70 -7.99 -25.09
N TYR A 460 -23.91 -7.55 -25.41
CA TYR A 460 -24.63 -8.09 -26.56
C TYR A 460 -23.90 -7.76 -27.85
N ASP A 461 -23.87 -8.73 -28.75
CA ASP A 461 -23.25 -8.59 -30.06
C ASP A 461 -24.41 -8.74 -31.05
N SER A 462 -24.94 -7.61 -31.51
CA SER A 462 -26.07 -7.61 -32.44
C SER A 462 -25.79 -8.28 -33.78
N HIS A 463 -24.51 -8.42 -34.12
CA HIS A 463 -24.13 -9.05 -35.38
C HIS A 463 -24.24 -10.57 -35.30
N SER A 464 -23.94 -11.14 -34.14
CA SER A 464 -23.99 -12.58 -33.94
C SER A 464 -25.15 -13.01 -33.03
N ASN A 465 -25.89 -12.03 -32.53
CA ASN A 465 -27.03 -12.30 -31.65
C ASN A 465 -26.65 -13.06 -30.38
N ASP A 466 -25.42 -12.88 -29.91
CA ASP A 466 -24.98 -13.53 -28.69
C ASP A 466 -24.35 -12.50 -27.75
N TRP A 467 -23.94 -12.94 -26.57
CA TRP A 467 -23.31 -12.06 -25.60
C TRP A 467 -21.85 -12.40 -25.41
N ARG A 468 -21.00 -11.37 -25.44
CA ARG A 468 -19.57 -11.60 -25.32
C ARG A 468 -18.86 -10.62 -24.40
N GLY A 469 -17.65 -10.99 -24.01
CA GLY A 469 -16.87 -10.14 -23.14
C GLY A 469 -15.42 -10.59 -23.18
N ASN A 470 -14.52 -9.62 -23.20
CA ASN A 470 -13.10 -9.93 -23.20
C ASN A 470 -12.71 -9.82 -21.74
N VAL A 471 -12.46 -10.97 -21.12
CA VAL A 471 -12.13 -11.06 -19.72
C VAL A 471 -10.67 -11.42 -19.46
N VAL A 472 -10.13 -10.90 -18.36
CA VAL A 472 -8.76 -11.19 -17.98
C VAL A 472 -8.87 -12.36 -17.01
N LEU A 473 -8.20 -13.47 -17.32
CA LEU A 473 -8.24 -14.66 -16.48
C LEU A 473 -6.87 -15.18 -16.10
N PRO A 474 -6.80 -15.99 -15.02
CA PRO A 474 -5.52 -16.54 -14.57
C PRO A 474 -5.10 -17.68 -15.50
N ALA A 475 -4.00 -17.48 -16.20
CA ALA A 475 -3.50 -18.49 -17.13
C ALA A 475 -3.17 -19.81 -16.44
N GLU A 476 -3.46 -20.91 -17.14
CA GLU A 476 -3.18 -22.24 -16.64
C GLU A 476 -3.78 -22.59 -15.29
N ARG A 477 -4.99 -22.09 -15.03
CA ARG A 477 -5.68 -22.40 -13.79
C ARG A 477 -7.07 -22.87 -14.17
N ASN A 478 -7.52 -23.95 -13.54
CA ASN A 478 -8.85 -24.48 -13.83
C ASN A 478 -9.91 -23.53 -13.28
N ILE A 479 -11.00 -23.36 -14.02
CA ILE A 479 -12.08 -22.49 -13.58
C ILE A 479 -13.46 -23.08 -13.87
N GLU A 480 -14.43 -22.62 -13.12
CA GLU A 480 -15.81 -23.02 -13.27
C GLU A 480 -16.55 -21.69 -13.28
N PHE A 481 -17.53 -21.57 -14.16
CA PHE A 481 -18.29 -20.33 -14.24
C PHE A 481 -19.63 -20.55 -14.90
N LYS A 482 -20.51 -19.56 -14.74
CA LYS A 482 -21.83 -19.59 -15.32
C LYS A 482 -22.23 -18.18 -15.66
N ALA A 483 -22.95 -18.03 -16.76
CA ALA A 483 -23.45 -16.73 -17.13
C ALA A 483 -24.80 -16.64 -16.44
N PHE A 484 -25.26 -15.42 -16.17
CA PHE A 484 -26.55 -15.22 -15.55
C PHE A 484 -27.12 -13.89 -16.02
N ILE A 485 -28.41 -13.71 -15.81
CA ILE A 485 -29.09 -12.50 -16.24
C ILE A 485 -29.57 -11.61 -15.10
N LYS A 486 -29.34 -10.31 -15.25
CA LYS A 486 -29.78 -9.33 -14.28
C LYS A 486 -30.83 -8.45 -14.97
N SER A 487 -31.93 -8.19 -14.28
CA SER A 487 -32.98 -7.36 -14.83
C SER A 487 -32.58 -5.90 -14.66
N LYS A 488 -33.42 -5.00 -15.19
CA LYS A 488 -33.19 -3.56 -15.09
C LYS A 488 -32.97 -3.16 -13.63
N ASP A 489 -33.79 -3.71 -12.74
CA ASP A 489 -33.70 -3.41 -11.31
C ASP A 489 -32.46 -3.98 -10.63
N GLY A 490 -31.66 -4.74 -11.38
CA GLY A 490 -30.45 -5.32 -10.81
C GLY A 490 -30.67 -6.69 -10.21
N THR A 491 -31.91 -7.17 -10.25
CA THR A 491 -32.24 -8.47 -9.70
C THR A 491 -31.81 -9.59 -10.65
N VAL A 492 -31.26 -10.65 -10.08
CA VAL A 492 -30.81 -11.79 -10.88
C VAL A 492 -32.04 -12.57 -11.33
N LYS A 493 -32.30 -12.55 -12.62
CA LYS A 493 -33.46 -13.23 -13.19
C LYS A 493 -33.28 -14.74 -13.36
N SER A 494 -32.17 -15.14 -13.96
CA SER A 494 -31.93 -16.55 -14.19
C SER A 494 -30.47 -16.85 -14.47
N TRP A 495 -30.14 -18.15 -14.46
CA TRP A 495 -28.77 -18.59 -14.71
C TRP A 495 -28.66 -19.51 -15.92
N GLN A 496 -27.44 -19.65 -16.40
CA GLN A 496 -27.13 -20.51 -17.52
C GLN A 496 -27.37 -21.94 -17.05
N THR A 497 -27.92 -22.76 -17.94
CA THR A 497 -28.23 -24.14 -17.64
C THR A 497 -27.09 -24.94 -16.98
N ILE A 498 -26.08 -25.28 -17.77
CA ILE A 498 -24.94 -26.06 -17.29
C ILE A 498 -23.74 -25.22 -16.87
N GLN A 499 -23.11 -25.61 -15.77
CA GLN A 499 -21.93 -24.91 -15.30
C GLN A 499 -20.81 -25.13 -16.31
N GLN A 500 -20.17 -24.05 -16.71
CA GLN A 500 -19.07 -24.13 -17.66
C GLN A 500 -17.74 -24.24 -16.92
N SER A 501 -16.70 -24.61 -17.65
CA SER A 501 -15.38 -24.74 -17.06
C SER A 501 -14.30 -24.63 -18.13
N TRP A 502 -13.09 -24.35 -17.69
CA TRP A 502 -11.95 -24.26 -18.59
C TRP A 502 -10.83 -24.92 -17.79
N ASN A 503 -10.48 -26.14 -18.18
CA ASN A 503 -9.47 -26.91 -17.46
C ASN A 503 -8.20 -27.19 -18.25
N PRO A 504 -7.25 -26.24 -18.24
CA PRO A 504 -7.37 -24.97 -17.53
C PRO A 504 -7.51 -23.81 -18.51
N VAL A 505 -7.43 -22.59 -17.98
CA VAL A 505 -7.49 -21.40 -18.81
C VAL A 505 -6.24 -21.49 -19.68
N PRO A 506 -6.39 -21.39 -21.01
CA PRO A 506 -5.25 -21.46 -21.93
C PRO A 506 -4.25 -20.33 -21.70
N LEU A 507 -2.99 -20.60 -21.97
CA LEU A 507 -1.96 -19.59 -21.80
C LEU A 507 -2.07 -18.56 -22.92
N LYS A 508 -2.47 -19.02 -24.09
CA LYS A 508 -2.62 -18.13 -25.26
C LYS A 508 -4.05 -17.65 -25.35
N THR A 509 -4.22 -16.39 -25.73
CA THR A 509 -5.55 -15.81 -25.86
C THR A 509 -6.36 -16.51 -26.95
N THR A 510 -7.59 -16.86 -26.60
CA THR A 510 -8.49 -17.53 -27.52
C THR A 510 -9.91 -17.21 -27.05
N SER A 511 -10.82 -18.16 -27.19
CA SER A 511 -12.20 -17.91 -26.76
C SER A 511 -12.85 -19.16 -26.20
N HIS A 512 -13.87 -18.95 -25.38
CA HIS A 512 -14.63 -20.04 -24.80
C HIS A 512 -16.07 -19.75 -25.16
N THR A 513 -16.68 -20.63 -25.94
CA THR A 513 -18.06 -20.44 -26.35
C THR A 513 -18.95 -21.53 -25.80
N SER A 514 -20.09 -21.15 -25.27
CA SER A 514 -21.03 -22.11 -24.71
C SER A 514 -22.44 -21.59 -24.93
N SER A 515 -23.42 -22.45 -24.73
CA SER A 515 -24.80 -22.05 -24.89
C SER A 515 -25.49 -21.92 -23.54
N TRP A 516 -26.44 -21.01 -23.47
CA TRP A 516 -27.18 -20.77 -22.25
C TRP A 516 -27.98 -22.00 -21.84
C1 GLC B . -1.35 -6.12 14.66
C2 GLC B . -2.31 -5.88 13.49
C3 GLC B . -1.52 -5.45 12.24
C4 GLC B . -0.69 -4.21 12.61
C5 GLC B . 0.25 -4.59 13.74
C6 GLC B . 1.18 -3.47 14.17
O1 GLC B . -0.49 -7.16 14.35
O2 GLC B . -3.06 -7.05 13.21
O3 GLC B . -2.41 -5.15 11.19
O4 GLC B . 0.06 -3.71 11.49
O5 GLC B . -0.56 -4.96 14.90
O6 GLC B . 0.61 -2.72 15.22
C1 GLC B . -0.22 -2.38 11.15
C2 GLC B . -0.95 -2.33 9.80
C3 GLC B . 0.02 -2.68 8.67
C4 GLC B . 1.26 -1.80 8.71
C5 GLC B . 1.92 -1.78 10.10
C6 GLC B . 2.91 -0.61 10.16
O2 GLC B . -2.04 -3.24 9.80
O3 GLC B . -0.65 -2.47 7.43
O4 GLC B . 2.19 -2.29 7.77
O5 GLC B . 0.94 -1.54 11.15
O6 GLC B . 4.18 -1.03 10.65
C1 GLC B . 3.08 -3.65 7.13
C2 GLC B . 3.79 -4.80 7.82
C3 GLC B . 5.22 -4.40 8.20
C4 GLC B . 5.95 -3.86 6.96
C5 GLC B . 5.14 -2.71 6.34
C6 GLC B . 5.77 -2.13 5.09
O1 GLC B . 1.84 -4.06 6.70
O2 GLC B . 3.08 -5.15 9.01
O3 GLC B . 5.91 -5.52 8.75
O4 GLC B . 7.24 -3.37 7.34
O5 GLC B . 3.82 -3.18 5.98
O6 GLC B . 6.14 -3.15 4.15
C1 GLC B . 8.26 -4.28 7.40
C2 GLC B . 9.37 -3.60 8.17
C3 GLC B . 9.82 -2.37 7.36
C4 GLC B . 10.23 -2.78 5.94
C5 GLC B . 9.09 -3.55 5.27
C6 GLC B . 9.41 -4.08 3.89
O2 GLC B . 8.83 -3.16 9.42
O3 GLC B . 10.89 -1.72 8.03
O4 GLC B . 10.53 -1.61 5.20
O5 GLC B . 8.71 -4.66 6.10
O6 GLC B . 10.31 -5.18 3.94
C2 BGC C . -10.00 20.22 21.05
C3 BGC C . -8.80 20.75 21.82
C4 BGC C . -8.61 22.25 21.51
C5 BGC C . -9.91 23.03 21.77
C6 BGC C . -9.79 24.48 21.31
C1 BGC C . -11.23 21.07 21.39
O1 BGC C . -12.33 20.62 20.68
O2 BGC C . -10.23 18.86 21.39
O3 BGC C . -7.63 20.04 21.45
O4 BGC C . -7.57 22.77 22.36
O5 BGC C . -11.00 22.43 21.02
O6 BGC C . -10.95 25.22 21.68
C1 GLC C . -6.29 22.73 21.79
C2 GLC C . -5.23 22.65 22.88
C3 GLC C . -5.18 23.98 23.66
C4 GLC C . -4.95 25.14 22.68
C5 GLC C . -6.05 25.13 21.60
C6 GLC C . -5.79 26.16 20.53
O2 GLC C . -5.54 21.58 23.78
O3 GLC C . -4.12 23.94 24.60
O4 GLC C . -4.99 26.38 23.39
O5 GLC C . -6.06 23.85 20.94
O6 GLC C . -4.64 25.82 19.77
C2 BGC D . -27.75 -21.52 -10.57
C3 BGC D . -26.42 -21.99 -10.00
C4 BGC D . -26.15 -21.31 -8.65
C5 BGC D . -27.34 -21.56 -7.72
C6 BGC D . -27.19 -20.86 -6.37
C1 BGC D . -28.87 -21.75 -9.55
O1 BGC D . -30.06 -21.22 -10.03
O2 BGC D . -28.05 -22.25 -11.76
O3 BGC D . -25.37 -21.68 -10.91
O4 BGC D . -24.95 -21.86 -8.08
O5 BGC D . -28.56 -21.07 -8.32
O6 BGC D . -27.06 -19.45 -6.54
C1 GLC D . -23.78 -21.14 -8.34
C2 GLC D . -22.69 -22.11 -8.83
C3 GLC D . -22.27 -23.04 -7.68
C4 GLC D . -21.83 -22.22 -6.47
C5 GLC D . -22.96 -21.25 -6.07
C6 GLC D . -22.56 -20.32 -4.94
O2 GLC D . -23.17 -22.87 -9.92
O3 GLC D . -21.21 -23.89 -8.11
O4 GLC D . -21.54 -23.08 -5.38
O5 GLC D . -23.32 -20.42 -7.20
O6 GLC D . -23.60 -19.39 -4.66
CA CA E . 23.97 13.14 2.72
S SO4 F . 6.23 -29.66 2.78
O1 SO4 F . 7.57 -29.77 2.16
O2 SO4 F . 5.23 -30.24 1.87
O3 SO4 F . 5.93 -28.23 3.02
O4 SO4 F . 6.21 -30.39 4.07
C ACY G . 5.23 16.56 13.04
O ACY G . 5.68 16.32 11.84
OXT ACY G . 5.91 16.69 14.11
CH3 ACY G . 3.72 16.69 13.10
#